data_1FH7
#
_entry.id   1FH7
#
_cell.length_a   87.040
_cell.length_b   87.040
_cell.length_c   80.270
_cell.angle_alpha   90.00
_cell.angle_beta   90.00
_cell.angle_gamma   90.00
#
_symmetry.space_group_name_H-M   'P 41 21 2'
#
loop_
_entity.id
_entity.type
_entity.pdbx_description
1 polymer BETA-1,4-XYLANASE
2 non-polymer beta-D-xylopyranose
3 non-polymer PIPERIDINE-3,4,5-TRIOL
4 water water
#
_entity_poly.entity_id   1
_entity_poly.type   'polypeptide(L)'
_entity_poly.pdbx_seq_one_letter_code
;ATTLKEAADGAGRDFGFALDPNRLSEAQYKAIADSEFNLVVAENAMKWDATEPSQNSFSFGAGDRVASYAADTGKELYGH
TLVWHSQLPDWAKNLNGSAFESAMVNHVTKVADHFEGKVASWDVVNEAFADGGGRRQDSAFQQKLGNGYIETAFRAARAA
DPTAKLCINDYNVEGINAKSNSLYDLVKDFKARGVPLDCVGFQSHLIVGQVPGDFRQNLQRFADLGVDVRITELDIRMRT
PSDATKLATQAADYKKVVQACMQVTRCQGVTVWGITDKYSWVPDVFPGEGAALVWDASYAKKPAYAAVMEAF
;
_entity_poly.pdbx_strand_id   A
#
loop_
_chem_comp.id
_chem_comp.type
_chem_comp.name
_chem_comp.formula
XDN non-polymer PIPERIDINE-3,4,5-TRIOL 'C5 H11 N O3'
XYP D-saccharide, beta linking beta-D-xylopyranose 'C5 H10 O5'
#
# COMPACT_ATOMS: atom_id res chain seq x y z
N ALA A 1 15.39 -5.74 20.94
CA ALA A 1 15.54 -4.67 19.91
C ALA A 1 15.20 -3.29 20.50
N THR A 2 15.80 -2.26 19.94
CA THR A 2 15.59 -0.88 20.39
C THR A 2 14.72 -0.08 19.42
N THR A 3 14.65 -0.56 18.18
CA THR A 3 13.85 0.11 17.15
C THR A 3 12.98 -0.92 16.43
N LEU A 4 11.93 -0.46 15.76
CA LEU A 4 11.06 -1.37 15.03
C LEU A 4 11.80 -1.88 13.80
N LYS A 5 12.79 -1.11 13.35
CA LYS A 5 13.61 -1.49 12.19
C LYS A 5 14.41 -2.74 12.54
N GLU A 6 14.98 -2.73 13.73
CA GLU A 6 15.78 -3.85 14.21
C GLU A 6 14.86 -5.05 14.43
N ALA A 7 13.69 -4.80 15.01
CA ALA A 7 12.72 -5.86 15.27
C ALA A 7 12.34 -6.56 13.97
N ALA A 8 11.95 -5.77 12.98
CA ALA A 8 11.57 -6.30 11.67
C ALA A 8 12.77 -6.97 11.00
N ASP A 9 13.93 -6.31 11.03
CA ASP A 9 15.12 -6.91 10.41
C ASP A 9 15.34 -8.30 10.99
N GLY A 10 15.25 -8.40 12.31
CA GLY A 10 15.46 -9.67 12.98
C GLY A 10 14.45 -10.75 12.63
N ALA A 11 13.25 -10.34 12.29
CA ALA A 11 12.19 -11.27 11.93
C ALA A 11 12.22 -11.61 10.43
N GLY A 12 13.20 -11.06 9.71
CA GLY A 12 13.30 -11.31 8.28
C GLY A 12 12.14 -10.73 7.51
N ARG A 13 11.61 -9.61 7.99
CA ARG A 13 10.47 -8.98 7.34
C ARG A 13 10.64 -7.47 7.20
N ASP A 14 9.72 -6.85 6.47
CA ASP A 14 9.75 -5.41 6.26
C ASP A 14 8.76 -4.67 7.15
N PHE A 15 9.20 -3.50 7.62
CA PHE A 15 8.34 -2.62 8.38
C PHE A 15 8.58 -1.28 7.72
N GLY A 16 7.61 -0.85 6.91
CA GLY A 16 7.78 0.41 6.21
C GLY A 16 6.80 1.49 6.57
N PHE A 17 6.99 2.65 5.94
CA PHE A 17 6.11 3.78 6.15
C PHE A 17 5.88 4.51 4.84
N ALA A 18 4.78 5.23 4.78
CA ALA A 18 4.41 6.02 3.61
C ALA A 18 5.05 7.40 3.81
N LEU A 19 5.93 7.76 2.88
CA LEU A 19 6.66 9.02 2.94
C LEU A 19 6.13 10.18 2.11
N ASP A 20 6.23 11.37 2.70
CA ASP A 20 5.88 12.62 2.02
C ASP A 20 7.29 13.20 1.94
N PRO A 21 7.91 13.20 0.74
CA PRO A 21 9.27 13.74 0.63
C PRO A 21 9.50 15.15 1.20
N ASN A 22 8.48 16.00 1.18
CA ASN A 22 8.61 17.35 1.71
C ASN A 22 8.93 17.36 3.20
N ARG A 23 8.51 16.33 3.92
CA ARG A 23 8.74 16.27 5.36
C ARG A 23 10.14 15.85 5.77
N LEU A 24 10.95 15.40 4.82
CA LEU A 24 12.30 14.98 5.18
C LEU A 24 13.10 16.15 5.74
N SER A 25 12.63 17.37 5.50
CA SER A 25 13.29 18.58 5.98
C SER A 25 12.86 18.92 7.41
N GLU A 26 11.96 18.11 7.96
CA GLU A 26 11.48 18.29 9.34
C GLU A 26 12.31 17.30 10.16
N ALA A 27 13.24 17.82 10.97
CA ALA A 27 14.14 17.00 11.76
C ALA A 27 13.60 15.75 12.47
N GLN A 28 12.55 15.92 13.27
CA GLN A 28 12.00 14.80 14.02
C GLN A 28 11.41 13.74 13.08
N TYR A 29 10.79 14.19 12.00
CA TYR A 29 10.19 13.29 11.01
C TYR A 29 11.29 12.44 10.39
N LYS A 30 12.35 13.08 9.91
CA LYS A 30 13.47 12.38 9.29
C LYS A 30 14.14 11.41 10.26
N ALA A 31 14.27 11.83 11.52
CA ALA A 31 14.92 10.98 12.53
C ALA A 31 14.19 9.66 12.71
N ILE A 32 12.86 9.73 12.83
CA ILE A 32 12.05 8.53 13.00
C ILE A 32 12.07 7.73 11.70
N ALA A 33 11.94 8.40 10.57
CA ALA A 33 11.97 7.72 9.28
C ALA A 33 13.27 6.93 9.15
N ASP A 34 14.40 7.58 9.44
CA ASP A 34 15.71 6.93 9.31
C ASP A 34 15.96 5.75 10.24
N SER A 35 15.51 5.86 11.49
CA SER A 35 15.80 4.82 12.46
C SER A 35 14.79 3.73 12.76
N GLU A 36 13.52 3.94 12.41
CA GLU A 36 12.48 2.97 12.75
C GLU A 36 11.92 2.10 11.63
N PHE A 37 12.36 2.33 10.41
CA PHE A 37 11.84 1.55 9.28
C PHE A 37 12.91 1.01 8.36
N ASN A 38 12.58 -0.05 7.63
CA ASN A 38 13.52 -0.62 6.69
C ASN A 38 12.89 -0.68 5.28
N LEU A 39 11.76 -0.02 5.11
CA LEU A 39 11.08 0.03 3.83
C LEU A 39 10.31 1.33 3.70
N VAL A 40 10.22 1.85 2.48
CA VAL A 40 9.49 3.09 2.27
C VAL A 40 8.64 3.06 1.00
N VAL A 41 7.51 3.72 1.07
CA VAL A 41 6.60 3.80 -0.06
C VAL A 41 6.22 5.26 -0.19
N ALA A 42 5.96 5.72 -1.40
CA ALA A 42 5.57 7.11 -1.60
C ALA A 42 4.06 7.21 -1.32
N GLU A 43 3.69 8.08 -0.39
CA GLU A 43 2.30 8.24 -0.05
C GLU A 43 1.52 8.81 -1.22
N ASN A 44 2.17 9.68 -2.01
CA ASN A 44 1.52 10.33 -3.14
C ASN A 44 2.40 10.58 -4.37
N ALA A 45 3.71 10.68 -4.16
CA ALA A 45 4.64 11.03 -5.22
C ALA A 45 4.74 10.16 -6.47
N MET A 46 4.29 8.93 -6.41
CA MET A 46 4.32 8.06 -7.58
C MET A 46 2.98 7.77 -8.22
N LYS A 47 1.97 8.49 -7.73
CA LYS A 47 0.62 8.28 -8.28
C LYS A 47 0.55 8.96 -9.66
N TRP A 48 -0.50 8.65 -10.40
CA TRP A 48 -0.68 9.18 -11.75
C TRP A 48 -0.73 10.71 -11.81
N ASP A 49 -1.47 11.35 -10.90
CA ASP A 49 -1.56 12.81 -10.92
C ASP A 49 -0.21 13.50 -10.67
N ALA A 50 0.65 12.84 -9.91
CA ALA A 50 1.98 13.38 -9.61
C ALA A 50 3.04 13.06 -10.66
N THR A 51 2.85 11.97 -11.39
CA THR A 51 3.82 11.55 -12.39
C THR A 51 3.50 11.92 -13.84
N GLU A 52 2.22 12.04 -14.18
CA GLU A 52 1.84 12.42 -15.54
C GLU A 52 0.71 13.43 -15.50
N PRO A 53 1.01 14.65 -15.02
CA PRO A 53 0.02 15.73 -14.90
C PRO A 53 -0.66 16.10 -16.22
N SER A 54 0.05 15.95 -17.32
CA SER A 54 -0.48 16.21 -18.65
C SER A 54 -0.06 15.01 -19.47
N GLN A 55 -0.90 14.59 -20.42
CA GLN A 55 -0.54 13.42 -21.21
C GLN A 55 0.82 13.53 -21.88
N ASN A 56 1.63 12.48 -21.70
CA ASN A 56 2.98 12.41 -22.26
C ASN A 56 3.97 13.36 -21.63
N SER A 57 3.57 14.01 -20.55
CA SER A 57 4.45 14.94 -19.86
C SER A 57 4.65 14.42 -18.45
N PHE A 58 5.75 13.72 -18.24
CA PHE A 58 6.03 13.15 -16.93
C PHE A 58 6.80 14.06 -16.01
N SER A 59 6.53 13.92 -14.71
CA SER A 59 7.17 14.72 -13.67
C SER A 59 7.63 13.74 -12.58
N PHE A 60 8.92 13.42 -12.57
CA PHE A 60 9.44 12.47 -11.58
C PHE A 60 10.22 13.03 -10.41
N GLY A 61 10.32 14.36 -10.32
CA GLY A 61 11.06 14.95 -9.21
C GLY A 61 10.70 14.42 -7.84
N ALA A 62 9.41 14.43 -7.51
CA ALA A 62 8.94 13.96 -6.21
C ALA A 62 9.15 12.45 -6.02
N GLY A 63 8.80 11.66 -7.04
CA GLY A 63 8.97 10.23 -6.93
C GLY A 63 10.44 9.91 -6.80
N ASP A 64 11.29 10.66 -7.52
CA ASP A 64 12.73 10.46 -7.46
C ASP A 64 13.23 10.71 -6.05
N ARG A 65 12.69 11.74 -5.41
CA ARG A 65 13.11 12.09 -4.05
C ARG A 65 12.89 10.92 -3.10
N VAL A 66 11.73 10.28 -3.23
CA VAL A 66 11.38 9.14 -2.41
C VAL A 66 12.32 7.98 -2.73
N ALA A 67 12.54 7.73 -4.00
CA ALA A 67 13.42 6.64 -4.41
C ALA A 67 14.84 6.84 -3.88
N SER A 68 15.33 8.07 -3.98
CA SER A 68 16.67 8.41 -3.53
C SER A 68 16.81 8.23 -2.01
N TYR A 69 15.76 8.60 -1.28
CA TYR A 69 15.79 8.46 0.17
C TYR A 69 15.98 6.99 0.54
N ALA A 70 15.23 6.11 -0.14
CA ALA A 70 15.33 4.68 0.12
C ALA A 70 16.74 4.16 -0.15
N ALA A 71 17.28 4.50 -1.32
CA ALA A 71 18.63 4.04 -1.68
C ALA A 71 19.68 4.61 -0.73
N ASP A 72 19.51 5.88 -0.38
CA ASP A 72 20.45 6.56 0.48
C ASP A 72 20.50 6.05 1.91
N THR A 73 19.38 5.54 2.39
CA THR A 73 19.33 5.04 3.77
C THR A 73 19.30 3.52 3.88
N GLY A 74 19.45 2.84 2.75
CA GLY A 74 19.44 1.39 2.77
C GLY A 74 18.07 0.77 3.05
N LYS A 75 17.01 1.37 2.53
CA LYS A 75 15.67 0.82 2.74
C LYS A 75 15.08 0.28 1.44
N GLU A 76 14.23 -0.72 1.57
CA GLU A 76 13.57 -1.31 0.41
C GLU A 76 12.61 -0.24 -0.10
N LEU A 77 12.33 -0.26 -1.39
CA LEU A 77 11.43 0.72 -2.01
C LEU A 77 10.21 0.01 -2.59
N TYR A 78 9.03 0.43 -2.16
CA TYR A 78 7.76 -0.12 -2.65
C TYR A 78 7.11 0.94 -3.53
N GLY A 79 6.60 0.55 -4.70
CA GLY A 79 5.99 1.51 -5.62
C GLY A 79 4.50 1.55 -5.41
N HIS A 80 3.82 2.69 -5.40
CA HIS A 80 2.39 2.88 -5.26
C HIS A 80 2.03 4.12 -6.06
N THR A 81 1.23 4.03 -7.13
CA THR A 81 0.61 2.81 -7.67
C THR A 81 0.38 3.10 -9.17
N LEU A 82 0.32 2.20 -10.13
CA LEU A 82 0.38 2.56 -11.53
C LEU A 82 -0.98 2.82 -12.09
N VAL A 83 -1.94 2.01 -11.68
CA VAL A 83 -3.31 2.13 -12.14
C VAL A 83 -4.28 2.21 -10.96
N TRP A 84 -4.95 3.35 -10.84
CA TRP A 84 -5.89 3.59 -9.76
C TRP A 84 -6.95 4.58 -10.25
N HIS A 85 -8.21 4.35 -9.89
CA HIS A 85 -9.30 5.22 -10.35
C HIS A 85 -9.29 6.59 -9.67
N SER A 86 -8.61 6.70 -8.54
CA SER A 86 -8.55 7.95 -7.79
C SER A 86 -7.25 8.70 -8.09
N GLN A 87 -7.26 10.01 -7.93
CA GLN A 87 -6.10 10.83 -8.21
C GLN A 87 -5.61 10.57 -9.64
N LEU A 88 -6.60 10.45 -10.52
CA LEU A 88 -6.40 10.22 -11.95
C LEU A 88 -6.75 11.57 -12.60
N PRO A 89 -5.77 12.22 -13.25
CA PRO A 89 -6.05 13.52 -13.88
C PRO A 89 -7.18 13.56 -14.91
N ASP A 90 -7.87 14.70 -14.96
CA ASP A 90 -8.98 14.86 -15.90
C ASP A 90 -8.62 14.55 -17.35
N TRP A 91 -7.41 14.90 -17.78
CA TRP A 91 -7.04 14.64 -19.16
C TRP A 91 -7.19 13.16 -19.50
N ALA A 92 -6.91 12.30 -18.53
CA ALA A 92 -7.03 10.86 -18.72
C ALA A 92 -8.50 10.45 -18.73
N LYS A 93 -9.31 11.07 -17.88
CA LYS A 93 -10.72 10.76 -17.81
C LYS A 93 -11.46 11.22 -19.07
N ASN A 94 -10.88 12.17 -19.77
CA ASN A 94 -11.48 12.71 -21.00
C ASN A 94 -11.22 11.80 -22.22
N LEU A 95 -10.36 10.80 -22.05
CA LEU A 95 -10.05 9.88 -23.14
C LEU A 95 -10.97 8.66 -23.08
N ASN A 96 -11.12 7.96 -24.21
CA ASN A 96 -11.96 6.77 -24.27
C ASN A 96 -11.41 5.75 -25.24
N GLY A 97 -11.93 4.52 -25.14
CA GLY A 97 -11.50 3.46 -26.03
C GLY A 97 -10.01 3.29 -26.18
N SER A 98 -9.57 3.06 -27.42
CA SER A 98 -8.16 2.85 -27.73
C SER A 98 -7.27 3.96 -27.19
N ALA A 99 -7.73 5.20 -27.29
CA ALA A 99 -6.96 6.35 -26.83
C ALA A 99 -6.68 6.24 -25.33
N PHE A 100 -7.71 5.88 -24.58
CA PHE A 100 -7.58 5.75 -23.13
C PHE A 100 -6.69 4.58 -22.79
N GLU A 101 -6.94 3.45 -23.44
CA GLU A 101 -6.14 2.27 -23.16
C GLU A 101 -4.66 2.51 -23.45
N SER A 102 -4.38 3.21 -24.55
CA SER A 102 -3.00 3.51 -24.92
C SER A 102 -2.34 4.41 -23.88
N ALA A 103 -3.11 5.32 -23.29
CA ALA A 103 -2.58 6.23 -22.27
C ALA A 103 -2.26 5.43 -21.01
N MET A 104 -3.13 4.49 -20.66
CA MET A 104 -2.91 3.67 -19.46
C MET A 104 -1.64 2.85 -19.65
N VAL A 105 -1.56 2.15 -20.78
CA VAL A 105 -0.41 1.31 -21.08
C VAL A 105 0.90 2.13 -21.08
N ASN A 106 0.85 3.31 -21.66
CA ASN A 106 2.05 4.13 -21.73
C ASN A 106 2.40 4.64 -20.33
N HIS A 107 1.40 4.98 -19.53
CA HIS A 107 1.66 5.47 -18.19
C HIS A 107 2.38 4.35 -17.43
N VAL A 108 1.85 3.14 -17.52
CA VAL A 108 2.46 2.01 -16.84
C VAL A 108 3.90 1.81 -17.31
N THR A 109 4.10 1.76 -18.62
CA THR A 109 5.43 1.54 -19.17
C THR A 109 6.44 2.61 -18.77
N LYS A 110 6.05 3.87 -18.90
CA LYS A 110 6.93 4.98 -18.56
C LYS A 110 7.32 5.03 -17.10
N VAL A 111 6.34 4.90 -16.22
CA VAL A 111 6.60 4.93 -14.79
C VAL A 111 7.40 3.71 -14.32
N ALA A 112 6.98 2.52 -14.73
CA ALA A 112 7.69 1.31 -14.33
C ALA A 112 9.11 1.34 -14.85
N ASP A 113 9.30 1.82 -16.09
CA ASP A 113 10.64 1.87 -16.63
C ASP A 113 11.49 2.90 -15.90
N HIS A 114 10.91 4.04 -15.60
CA HIS A 114 11.67 5.08 -14.92
C HIS A 114 12.28 4.59 -13.60
N PHE A 115 11.49 3.83 -12.83
CA PHE A 115 11.96 3.34 -11.54
C PHE A 115 12.50 1.94 -11.53
N GLU A 116 12.69 1.38 -12.71
CA GLU A 116 13.21 0.01 -12.87
C GLU A 116 14.55 -0.15 -12.15
N GLY A 117 14.64 -1.22 -11.35
CA GLY A 117 15.86 -1.48 -10.62
C GLY A 117 15.93 -0.77 -9.28
N LYS A 118 14.99 0.15 -9.03
CA LYS A 118 14.95 0.88 -7.77
C LYS A 118 13.72 0.41 -6.99
N VAL A 119 12.55 0.48 -7.61
CA VAL A 119 11.30 0.06 -6.99
C VAL A 119 11.34 -1.48 -7.07
N ALA A 120 11.24 -2.17 -5.93
CA ALA A 120 11.28 -3.62 -5.91
C ALA A 120 9.94 -4.29 -6.11
N SER A 121 8.87 -3.57 -5.80
CA SER A 121 7.51 -4.10 -5.90
C SER A 121 6.55 -2.98 -6.25
N TRP A 122 5.54 -3.29 -7.06
CA TRP A 122 4.55 -2.29 -7.43
C TRP A 122 3.12 -2.69 -7.13
N ASP A 123 2.33 -1.70 -6.72
CA ASP A 123 0.91 -1.93 -6.56
C ASP A 123 0.56 -1.55 -8.01
N VAL A 124 0.47 -2.53 -8.90
CA VAL A 124 0.17 -2.27 -10.30
C VAL A 124 -1.26 -1.74 -10.48
N VAL A 125 -2.22 -2.43 -9.85
CA VAL A 125 -3.63 -2.05 -9.88
C VAL A 125 -4.10 -1.92 -8.44
N ASN A 126 -4.83 -0.86 -8.13
CA ASN A 126 -5.30 -0.60 -6.78
C ASN A 126 -6.82 -0.42 -6.72
N GLU A 127 -7.44 -1.02 -5.71
CA GLU A 127 -8.89 -0.92 -5.48
C GLU A 127 -9.77 -1.24 -6.68
N ALA A 128 -9.57 -2.42 -7.26
CA ALA A 128 -10.35 -2.82 -8.43
C ALA A 128 -11.72 -3.38 -8.07
N PHE A 129 -11.88 -3.81 -6.83
CA PHE A 129 -13.13 -4.41 -6.42
C PHE A 129 -14.04 -3.55 -5.56
N ALA A 130 -15.27 -4.02 -5.34
CA ALA A 130 -16.24 -3.29 -4.56
C ALA A 130 -16.63 -4.04 -3.29
N ASP A 131 -16.90 -3.29 -2.23
CA ASP A 131 -17.30 -3.92 -0.98
C ASP A 131 -18.58 -4.70 -1.34
N GLY A 132 -18.68 -5.93 -0.86
CA GLY A 132 -19.86 -6.72 -1.17
C GLY A 132 -19.60 -7.62 -2.38
N GLY A 133 -18.47 -7.41 -3.05
CA GLY A 133 -18.14 -8.24 -4.19
C GLY A 133 -18.33 -7.62 -5.55
N GLY A 134 -17.59 -8.12 -6.53
CA GLY A 134 -17.68 -7.60 -7.88
C GLY A 134 -16.69 -6.49 -8.10
N ARG A 135 -16.73 -5.89 -9.28
CA ARG A 135 -15.83 -4.81 -9.62
C ARG A 135 -16.31 -3.47 -9.07
N ARG A 136 -15.37 -2.57 -8.89
CA ARG A 136 -15.66 -1.22 -8.41
C ARG A 136 -16.59 -0.57 -9.44
N GLN A 137 -17.58 0.17 -8.96
CA GLN A 137 -18.58 0.81 -9.81
C GLN A 137 -18.38 2.27 -10.16
N ASP A 138 -17.22 2.84 -9.80
CA ASP A 138 -16.96 4.24 -10.11
C ASP A 138 -15.54 4.43 -10.63
N SER A 139 -15.02 3.41 -11.30
CA SER A 139 -13.67 3.45 -11.85
C SER A 139 -13.68 3.80 -13.34
N ALA A 140 -12.83 4.73 -13.74
CA ALA A 140 -12.73 5.12 -15.14
C ALA A 140 -12.19 3.95 -15.95
N PHE A 141 -11.33 3.15 -15.33
CA PHE A 141 -10.75 2.00 -16.03
C PHE A 141 -11.79 0.90 -16.22
N GLN A 142 -12.57 0.65 -15.18
CA GLN A 142 -13.61 -0.38 -15.24
C GLN A 142 -14.69 0.01 -16.26
N GLN A 143 -15.04 1.29 -16.28
CA GLN A 143 -16.10 1.77 -17.17
C GLN A 143 -15.70 1.93 -18.62
N LYS A 144 -14.46 2.34 -18.87
CA LYS A 144 -13.99 2.54 -20.23
C LYS A 144 -13.39 1.30 -20.88
N LEU A 145 -12.78 0.44 -20.09
CA LEU A 145 -12.14 -0.76 -20.65
C LEU A 145 -12.76 -2.08 -20.27
N GLY A 146 -13.57 -2.12 -19.21
CA GLY A 146 -14.18 -3.36 -18.80
C GLY A 146 -13.28 -4.21 -17.94
N ASN A 147 -13.66 -5.47 -17.74
CA ASN A 147 -12.89 -6.38 -16.89
C ASN A 147 -11.44 -6.63 -17.26
N GLY A 148 -11.11 -6.55 -18.54
CA GLY A 148 -9.75 -6.83 -18.96
C GLY A 148 -8.63 -5.82 -18.72
N TYR A 149 -8.92 -4.65 -18.17
CA TYR A 149 -7.85 -3.66 -17.95
C TYR A 149 -6.82 -4.12 -16.93
N ILE A 150 -7.25 -4.88 -15.94
CA ILE A 150 -6.36 -5.35 -14.90
C ILE A 150 -5.24 -6.22 -15.51
N GLU A 151 -5.61 -7.19 -16.33
CA GLU A 151 -4.61 -8.06 -16.95
C GLU A 151 -3.69 -7.27 -17.88
N THR A 152 -4.23 -6.30 -18.61
CA THR A 152 -3.44 -5.48 -19.52
C THR A 152 -2.37 -4.72 -18.74
N ALA A 153 -2.77 -4.11 -17.64
CA ALA A 153 -1.86 -3.36 -16.80
C ALA A 153 -0.73 -4.24 -16.27
N PHE A 154 -1.07 -5.44 -15.80
CA PHE A 154 -0.05 -6.33 -15.27
C PHE A 154 0.91 -6.81 -16.35
N ARG A 155 0.39 -7.12 -17.54
CA ARG A 155 1.27 -7.58 -18.60
C ARG A 155 2.19 -6.44 -19.04
N ALA A 156 1.64 -5.23 -19.09
CA ALA A 156 2.40 -4.06 -19.50
C ALA A 156 3.53 -3.77 -18.49
N ALA A 157 3.21 -3.91 -17.21
CA ALA A 157 4.18 -3.65 -16.16
C ALA A 157 5.33 -4.66 -16.24
N ARG A 158 5.00 -5.94 -16.41
CA ARG A 158 6.01 -6.98 -16.52
C ARG A 158 6.92 -6.74 -17.71
N ALA A 159 6.33 -6.29 -18.83
CA ALA A 159 7.11 -6.00 -20.02
C ALA A 159 8.13 -4.90 -19.74
N ALA A 160 7.71 -3.87 -19.01
CA ALA A 160 8.59 -2.75 -18.69
C ALA A 160 9.61 -3.09 -17.61
N ASP A 161 9.21 -3.92 -16.64
CA ASP A 161 10.11 -4.31 -15.56
C ASP A 161 10.00 -5.82 -15.38
N PRO A 162 10.90 -6.57 -16.01
CA PRO A 162 10.88 -8.03 -15.91
C PRO A 162 11.08 -8.68 -14.54
N THR A 163 11.61 -7.94 -13.57
CA THR A 163 11.85 -8.55 -12.27
C THR A 163 11.08 -8.03 -11.07
N ALA A 164 10.51 -6.83 -11.18
CA ALA A 164 9.75 -6.25 -10.06
C ALA A 164 8.58 -7.13 -9.63
N LYS A 165 8.32 -7.20 -8.32
CA LYS A 165 7.19 -7.97 -7.81
C LYS A 165 5.94 -7.17 -8.11
N LEU A 166 5.04 -7.74 -8.91
CA LEU A 166 3.82 -7.05 -9.30
C LEU A 166 2.64 -7.42 -8.42
N CYS A 167 2.09 -6.43 -7.71
CA CYS A 167 0.96 -6.69 -6.81
C CYS A 167 -0.35 -5.99 -7.16
N ILE A 168 -1.43 -6.55 -6.64
CA ILE A 168 -2.76 -5.96 -6.77
C ILE A 168 -3.08 -5.62 -5.30
N ASN A 169 -3.60 -4.41 -5.06
CA ASN A 169 -3.89 -3.93 -3.71
C ASN A 169 -5.37 -3.54 -3.57
N ASP A 170 -5.88 -3.63 -2.34
CA ASP A 170 -7.25 -3.26 -2.04
C ASP A 170 -7.48 -3.16 -0.55
N TYR A 171 -8.61 -2.58 -0.17
CA TYR A 171 -8.96 -2.43 1.24
C TYR A 171 -10.24 -3.19 1.51
N ASN A 172 -10.52 -3.44 2.79
CA ASN A 172 -11.70 -4.19 3.20
C ASN A 172 -11.65 -5.60 2.62
N VAL A 173 -10.44 -6.13 2.52
CA VAL A 173 -10.23 -7.47 2.00
C VAL A 173 -9.30 -8.25 2.94
N GLU A 174 -9.18 -7.77 4.17
CA GLU A 174 -8.30 -8.40 5.14
C GLU A 174 -8.86 -9.72 5.67
N GLY A 175 -10.18 -9.79 5.79
CA GLY A 175 -10.81 -11.02 6.25
C GLY A 175 -11.49 -11.67 5.07
N ILE A 176 -12.02 -12.88 5.26
CA ILE A 176 -12.72 -13.56 4.19
C ILE A 176 -14.12 -12.96 4.07
N ASN A 177 -14.41 -12.40 2.90
CA ASN A 177 -15.72 -11.79 2.65
C ASN A 177 -15.95 -11.70 1.16
N ALA A 178 -17.12 -11.20 0.76
CA ALA A 178 -17.45 -11.10 -0.66
C ALA A 178 -16.38 -10.38 -1.49
N LYS A 179 -15.86 -9.28 -0.96
CA LYS A 179 -14.86 -8.52 -1.67
C LYS A 179 -13.53 -9.28 -1.81
N SER A 180 -13.02 -9.81 -0.70
CA SER A 180 -11.76 -10.55 -0.76
C SER A 180 -11.91 -11.80 -1.61
N ASN A 181 -13.13 -12.32 -1.69
CA ASN A 181 -13.38 -13.51 -2.49
C ASN A 181 -13.25 -13.20 -3.98
N SER A 182 -13.74 -12.04 -4.40
CA SER A 182 -13.65 -11.66 -5.80
C SER A 182 -12.17 -11.49 -6.17
N LEU A 183 -11.41 -10.90 -5.25
CA LEU A 183 -9.98 -10.68 -5.43
C LEU A 183 -9.27 -12.04 -5.48
N TYR A 184 -9.70 -12.96 -4.61
CA TYR A 184 -9.13 -14.30 -4.54
C TYR A 184 -9.29 -15.00 -5.90
N ASP A 185 -10.49 -14.91 -6.48
CA ASP A 185 -10.75 -15.54 -7.77
C ASP A 185 -9.82 -14.97 -8.84
N LEU A 186 -9.67 -13.65 -8.83
CA LEU A 186 -8.83 -12.95 -9.80
C LEU A 186 -7.39 -13.46 -9.71
N VAL A 187 -6.87 -13.53 -8.49
CA VAL A 187 -5.51 -14.01 -8.26
C VAL A 187 -5.33 -15.44 -8.77
N LYS A 188 -6.26 -16.32 -8.42
CA LYS A 188 -6.21 -17.71 -8.84
C LYS A 188 -6.22 -17.83 -10.36
N ASP A 189 -7.08 -17.04 -10.99
CA ASP A 189 -7.22 -17.03 -12.44
C ASP A 189 -5.92 -16.59 -13.11
N PHE A 190 -5.39 -15.45 -12.66
CA PHE A 190 -4.15 -14.92 -13.20
C PHE A 190 -3.01 -15.94 -13.09
N LYS A 191 -2.84 -16.55 -11.93
CA LYS A 191 -1.78 -17.53 -11.76
C LYS A 191 -1.99 -18.70 -12.70
N ALA A 192 -3.24 -19.13 -12.82
CA ALA A 192 -3.60 -20.25 -13.68
C ALA A 192 -3.27 -19.99 -15.16
N ARG A 193 -3.53 -18.77 -15.63
CA ARG A 193 -3.28 -18.41 -17.01
C ARG A 193 -1.90 -17.80 -17.29
N GLY A 194 -1.06 -17.79 -16.26
CA GLY A 194 0.28 -17.25 -16.43
C GLY A 194 0.36 -15.74 -16.56
N VAL A 195 -0.66 -15.04 -16.09
CA VAL A 195 -0.65 -13.58 -16.15
C VAL A 195 0.32 -13.11 -15.08
N PRO A 196 1.21 -12.16 -15.41
CA PRO A 196 2.18 -11.69 -14.40
C PRO A 196 1.44 -11.19 -13.15
N LEU A 197 1.82 -11.72 -11.99
CA LEU A 197 1.23 -11.34 -10.71
C LEU A 197 2.04 -12.05 -9.65
N ASP A 198 2.65 -11.30 -8.72
CA ASP A 198 3.49 -11.93 -7.70
C ASP A 198 3.09 -11.68 -6.25
N CYS A 199 2.14 -10.78 -6.04
CA CYS A 199 1.79 -10.43 -4.67
C CYS A 199 0.44 -9.75 -4.53
N VAL A 200 -0.10 -9.75 -3.32
CA VAL A 200 -1.37 -9.10 -3.02
C VAL A 200 -1.10 -8.16 -1.84
N GLY A 201 -1.52 -6.92 -1.97
CA GLY A 201 -1.33 -5.96 -0.92
C GLY A 201 -2.64 -5.67 -0.22
N PHE A 202 -2.66 -5.89 1.09
CA PHE A 202 -3.85 -5.65 1.89
C PHE A 202 -3.65 -4.31 2.60
N GLN A 203 -4.31 -3.27 2.08
CA GLN A 203 -4.19 -1.92 2.64
C GLN A 203 -4.28 -1.90 4.15
N SER A 204 -5.28 -2.58 4.69
CA SER A 204 -5.44 -2.66 6.13
C SER A 204 -5.72 -1.33 6.82
N HIS A 205 -6.61 -0.54 6.23
CA HIS A 205 -7.03 0.72 6.83
C HIS A 205 -8.20 0.25 7.66
N LEU A 206 -7.92 -0.06 8.92
CA LEU A 206 -8.91 -0.60 9.83
C LEU A 206 -9.46 0.39 10.82
N ILE A 207 -10.45 -0.06 11.58
CA ILE A 207 -11.08 0.72 12.62
C ILE A 207 -10.71 0.06 13.94
N VAL A 208 -10.41 0.86 14.95
CA VAL A 208 -10.03 0.34 16.25
C VAL A 208 -11.07 -0.64 16.80
N GLY A 209 -10.59 -1.79 17.24
CA GLY A 209 -11.46 -2.81 17.79
C GLY A 209 -12.21 -3.59 16.72
N GLN A 210 -11.74 -3.53 15.48
CA GLN A 210 -12.39 -4.23 14.39
C GLN A 210 -11.46 -5.00 13.46
N VAL A 211 -10.41 -5.59 14.02
CA VAL A 211 -9.47 -6.36 13.23
C VAL A 211 -10.15 -7.70 12.92
N PRO A 212 -10.20 -8.09 11.64
CA PRO A 212 -10.83 -9.35 11.28
C PRO A 212 -10.22 -10.52 12.03
N GLY A 213 -11.06 -11.38 12.60
CA GLY A 213 -10.54 -12.52 13.34
C GLY A 213 -9.95 -13.60 12.45
N ASP A 214 -10.20 -13.50 11.15
CA ASP A 214 -9.71 -14.49 10.20
C ASP A 214 -8.64 -13.90 9.29
N PHE A 215 -8.02 -12.81 9.75
CA PHE A 215 -7.00 -12.12 8.98
C PHE A 215 -5.89 -13.06 8.52
N ARG A 216 -5.31 -13.82 9.45
CA ARG A 216 -4.23 -14.71 9.10
C ARG A 216 -4.69 -15.84 8.16
N GLN A 217 -5.86 -16.41 8.43
CA GLN A 217 -6.38 -17.47 7.57
C GLN A 217 -6.54 -16.95 6.15
N ASN A 218 -7.04 -15.73 6.02
CA ASN A 218 -7.25 -15.12 4.72
C ASN A 218 -5.91 -14.86 4.03
N LEU A 219 -4.93 -14.37 4.77
CA LEU A 219 -3.61 -14.10 4.21
C LEU A 219 -2.99 -15.40 3.71
N GLN A 220 -3.15 -16.47 4.50
CA GLN A 220 -2.60 -17.78 4.15
C GLN A 220 -3.21 -18.39 2.89
N ARG A 221 -4.52 -18.24 2.70
CA ARG A 221 -5.16 -18.80 1.52
C ARG A 221 -4.69 -18.10 0.25
N PHE A 222 -4.41 -16.80 0.33
CA PHE A 222 -3.90 -16.09 -0.83
C PHE A 222 -2.47 -16.57 -1.08
N ALA A 223 -1.67 -16.63 -0.02
CA ALA A 223 -0.30 -17.08 -0.15
C ALA A 223 -0.26 -18.48 -0.76
N ASP A 224 -1.24 -19.30 -0.41
CA ASP A 224 -1.30 -20.67 -0.94
C ASP A 224 -1.59 -20.74 -2.43
N LEU A 225 -2.00 -19.61 -3.02
CA LEU A 225 -2.26 -19.56 -4.45
C LEU A 225 -0.95 -19.40 -5.21
N GLY A 226 0.15 -19.23 -4.47
CA GLY A 226 1.45 -19.06 -5.11
C GLY A 226 1.93 -17.63 -5.23
N VAL A 227 1.49 -16.78 -4.30
CA VAL A 227 1.91 -15.38 -4.32
C VAL A 227 2.29 -14.92 -2.91
N ASP A 228 2.98 -13.79 -2.82
CA ASP A 228 3.37 -13.23 -1.53
C ASP A 228 2.25 -12.31 -1.11
N VAL A 229 2.14 -12.05 0.20
CA VAL A 229 1.13 -11.15 0.71
C VAL A 229 1.86 -10.11 1.55
N ARG A 230 1.24 -8.95 1.69
CA ARG A 230 1.85 -7.86 2.45
C ARG A 230 0.79 -6.90 2.93
N ILE A 231 1.01 -6.32 4.09
CA ILE A 231 0.10 -5.32 4.64
C ILE A 231 0.74 -4.04 4.14
N THR A 232 0.02 -3.29 3.30
CA THR A 232 0.60 -2.11 2.70
C THR A 232 0.26 -0.71 3.23
N GLU A 233 -0.89 -0.55 3.87
CA GLU A 233 -1.24 0.81 4.33
C GLU A 233 -1.87 0.79 5.70
N LEU A 234 -1.29 0.04 6.62
CA LEU A 234 -1.84 -0.06 7.94
C LEU A 234 -1.99 1.21 8.77
N ASP A 235 -3.20 1.40 9.27
CA ASP A 235 -3.54 2.46 10.20
C ASP A 235 -4.85 2.02 10.81
N ILE A 236 -5.03 2.29 12.10
CA ILE A 236 -6.22 1.84 12.79
C ILE A 236 -6.87 3.05 13.44
N ARG A 237 -7.88 3.58 12.77
CA ARG A 237 -8.55 4.78 13.23
C ARG A 237 -9.57 4.62 14.35
N MET A 238 -9.62 5.63 15.19
CA MET A 238 -10.54 5.66 16.31
C MET A 238 -11.32 6.96 16.27
N ARG A 239 -12.33 7.05 17.14
CA ARG A 239 -13.15 8.25 17.26
C ARG A 239 -12.31 9.23 18.07
N THR A 240 -12.10 10.44 17.55
CA THR A 240 -11.29 11.42 18.27
C THR A 240 -12.15 12.22 19.25
N PRO A 241 -11.55 12.71 20.35
CA PRO A 241 -10.13 12.54 20.67
C PRO A 241 -9.81 11.16 21.24
N SER A 242 -8.52 10.84 21.32
CA SER A 242 -8.09 9.56 21.84
C SER A 242 -8.05 9.61 23.36
N ASP A 243 -8.08 8.44 23.98
CA ASP A 243 -7.99 8.33 25.43
C ASP A 243 -7.24 7.05 25.74
N ALA A 244 -6.94 6.81 27.02
CA ALA A 244 -6.21 5.62 27.43
C ALA A 244 -6.78 4.30 26.90
N THR A 245 -8.08 4.10 27.08
CA THR A 245 -8.72 2.86 26.63
C THR A 245 -8.63 2.68 25.12
N LYS A 246 -8.96 3.73 24.37
CA LYS A 246 -8.91 3.66 22.91
C LYS A 246 -7.49 3.34 22.42
N LEU A 247 -6.50 3.99 23.03
CA LEU A 247 -5.12 3.76 22.64
C LEU A 247 -4.70 2.33 23.00
N ALA A 248 -5.28 1.79 24.07
CA ALA A 248 -4.95 0.43 24.48
C ALA A 248 -5.51 -0.57 23.48
N THR A 249 -6.77 -0.37 23.11
CA THR A 249 -7.41 -1.26 22.13
C THR A 249 -6.61 -1.21 20.85
N GLN A 250 -6.24 0.01 20.44
CA GLN A 250 -5.46 0.21 19.23
C GLN A 250 -4.16 -0.56 19.25
N ALA A 251 -3.47 -0.53 20.39
CA ALA A 251 -2.20 -1.23 20.54
C ALA A 251 -2.40 -2.73 20.37
N ALA A 252 -3.49 -3.25 20.93
CA ALA A 252 -3.79 -4.66 20.83
C ALA A 252 -4.10 -5.01 19.38
N ASP A 253 -4.75 -4.08 18.68
CA ASP A 253 -5.09 -4.30 17.27
C ASP A 253 -3.80 -4.36 16.43
N TYR A 254 -2.90 -3.42 16.66
CA TYR A 254 -1.64 -3.40 15.92
C TYR A 254 -0.88 -4.70 16.15
N LYS A 255 -0.94 -5.21 17.37
CA LYS A 255 -0.26 -6.47 17.69
C LYS A 255 -0.90 -7.61 16.89
N LYS A 256 -2.23 -7.62 16.82
CA LYS A 256 -2.93 -8.68 16.09
C LYS A 256 -2.61 -8.66 14.60
N VAL A 257 -2.50 -7.47 14.02
CA VAL A 257 -2.20 -7.33 12.60
C VAL A 257 -0.79 -7.84 12.31
N VAL A 258 0.19 -7.36 13.07
CA VAL A 258 1.57 -7.79 12.87
C VAL A 258 1.70 -9.29 13.11
N GLN A 259 1.00 -9.79 14.13
CA GLN A 259 1.05 -11.22 14.43
C GLN A 259 0.54 -12.06 13.26
N ALA A 260 -0.59 -11.66 12.69
CA ALA A 260 -1.16 -12.40 11.56
C ALA A 260 -0.12 -12.54 10.46
N CYS A 261 0.63 -11.47 10.22
CA CYS A 261 1.67 -11.48 9.18
C CYS A 261 2.81 -12.42 9.58
N MET A 262 3.23 -12.32 10.84
CA MET A 262 4.30 -13.17 11.33
C MET A 262 3.92 -14.64 11.16
N GLN A 263 2.64 -14.93 11.30
CA GLN A 263 2.11 -16.30 11.20
C GLN A 263 1.97 -16.87 9.78
N VAL A 264 2.30 -16.09 8.77
CA VAL A 264 2.22 -16.55 7.40
C VAL A 264 3.62 -16.38 6.79
N THR A 265 4.23 -17.50 6.40
CA THR A 265 5.58 -17.46 5.86
C THR A 265 5.80 -16.51 4.69
N ARG A 266 4.80 -16.39 3.82
CA ARG A 266 4.90 -15.51 2.67
C ARG A 266 4.48 -14.06 2.91
N CYS A 267 4.15 -13.70 4.15
CA CYS A 267 3.80 -12.31 4.39
C CYS A 267 5.12 -11.56 4.48
N GLN A 268 5.37 -10.72 3.48
CA GLN A 268 6.62 -9.96 3.40
C GLN A 268 6.80 -8.93 4.51
N GLY A 269 5.70 -8.43 5.05
CA GLY A 269 5.82 -7.43 6.11
C GLY A 269 4.63 -6.52 6.22
N VAL A 270 4.80 -5.49 7.05
CA VAL A 270 3.76 -4.51 7.33
C VAL A 270 4.26 -3.09 7.08
N THR A 271 3.48 -2.32 6.34
CA THR A 271 3.81 -0.93 6.06
C THR A 271 2.67 -0.09 6.63
N VAL A 272 3.01 0.88 7.49
CA VAL A 272 2.01 1.75 8.08
C VAL A 272 1.86 2.98 7.19
N TRP A 273 0.64 3.50 7.08
CA TRP A 273 0.39 4.64 6.19
C TRP A 273 0.75 5.99 6.80
N GLY A 274 2.03 6.16 7.08
CA GLY A 274 2.51 7.39 7.67
C GLY A 274 3.24 7.13 8.97
N ILE A 275 3.84 8.17 9.52
CA ILE A 275 4.57 8.08 10.78
C ILE A 275 3.78 8.69 11.93
N THR A 276 3.38 9.95 11.76
CA THR A 276 2.68 10.69 12.81
C THR A 276 1.22 11.07 12.56
N ASP A 277 0.43 11.10 13.64
CA ASP A 277 -0.97 11.47 13.54
C ASP A 277 -1.09 12.89 12.99
N LYS A 278 -0.01 13.65 13.14
CA LYS A 278 0.07 15.03 12.70
C LYS A 278 -0.23 15.18 11.21
N TYR A 279 0.21 14.21 10.42
CA TYR A 279 0.03 14.25 8.98
C TYR A 279 -0.87 13.17 8.41
N SER A 280 -1.32 12.25 9.27
CA SER A 280 -2.18 11.15 8.84
C SER A 280 -3.33 11.67 7.95
N TRP A 281 -3.68 10.90 6.93
CA TRP A 281 -4.74 11.27 6.00
C TRP A 281 -6.15 11.09 6.56
N VAL A 282 -6.27 10.31 7.63
CA VAL A 282 -7.58 10.00 8.18
C VAL A 282 -8.53 11.15 8.55
N PRO A 283 -8.13 12.05 9.47
CA PRO A 283 -9.03 13.15 9.86
C PRO A 283 -9.78 13.85 8.70
N ASP A 284 -9.04 14.25 7.68
CA ASP A 284 -9.64 14.94 6.54
C ASP A 284 -10.58 14.08 5.70
N VAL A 285 -10.40 12.77 5.73
CA VAL A 285 -11.24 11.87 4.95
C VAL A 285 -12.40 11.25 5.72
N PHE A 286 -12.17 11.01 7.01
CA PHE A 286 -13.16 10.40 7.89
C PHE A 286 -13.47 11.35 9.03
N PRO A 287 -14.38 12.32 8.80
CA PRO A 287 -14.73 13.28 9.86
C PRO A 287 -15.05 12.64 11.20
N GLY A 288 -14.41 13.13 12.25
CA GLY A 288 -14.65 12.61 13.59
C GLY A 288 -13.78 11.42 13.96
N GLU A 289 -12.94 10.99 13.03
CA GLU A 289 -12.05 9.86 13.27
C GLU A 289 -10.59 10.27 13.09
N GLY A 290 -9.67 9.48 13.65
CA GLY A 290 -8.26 9.79 13.53
C GLY A 290 -7.33 9.06 14.50
N ALA A 291 -6.27 9.74 14.92
CA ALA A 291 -5.26 9.18 15.84
C ALA A 291 -5.01 7.73 15.44
N ALA A 292 -4.73 7.52 14.15
CA ALA A 292 -4.54 6.18 13.61
C ALA A 292 -3.14 5.59 13.52
N LEU A 293 -2.10 6.41 13.64
CA LEU A 293 -0.75 5.90 13.49
C LEU A 293 -0.03 5.53 14.79
N VAL A 294 1.25 5.16 14.66
CA VAL A 294 2.05 4.74 15.81
C VAL A 294 2.61 5.87 16.66
N TRP A 295 2.84 7.04 16.03
CA TRP A 295 3.35 8.21 16.75
C TRP A 295 2.25 9.26 16.80
N ASP A 296 2.11 9.96 17.92
CA ASP A 296 1.10 11.01 18.00
C ASP A 296 1.61 12.30 17.34
N ALA A 297 0.80 13.35 17.38
CA ALA A 297 1.15 14.63 16.75
C ALA A 297 2.38 15.32 17.32
N SER A 298 2.85 14.85 18.46
CA SER A 298 4.04 15.43 19.10
C SER A 298 5.22 14.49 18.93
N TYR A 299 5.07 13.53 18.03
CA TYR A 299 6.10 12.53 17.76
C TYR A 299 6.45 11.70 18.99
N ALA A 300 5.47 11.46 19.83
CA ALA A 300 5.64 10.64 21.01
C ALA A 300 5.10 9.26 20.65
N LYS A 301 5.81 8.21 21.02
CA LYS A 301 5.35 6.87 20.72
C LYS A 301 4.06 6.59 21.48
N LYS A 302 3.09 6.00 20.81
CA LYS A 302 1.84 5.65 21.44
C LYS A 302 1.96 4.18 21.87
N PRO A 303 0.99 3.68 22.64
CA PRO A 303 1.04 2.28 23.10
C PRO A 303 1.21 1.25 21.97
N ALA A 304 0.76 1.61 20.77
CA ALA A 304 0.87 0.73 19.61
C ALA A 304 2.33 0.37 19.32
N TYR A 305 3.24 1.31 19.60
CA TYR A 305 4.65 1.08 19.35
C TYR A 305 5.14 -0.21 20.00
N ALA A 306 5.00 -0.28 21.33
CA ALA A 306 5.43 -1.47 22.06
C ALA A 306 4.76 -2.74 21.52
N ALA A 307 3.51 -2.63 21.12
CA ALA A 307 2.78 -3.79 20.59
C ALA A 307 3.43 -4.29 19.30
N VAL A 308 3.79 -3.38 18.40
CA VAL A 308 4.41 -3.77 17.15
C VAL A 308 5.78 -4.41 17.45
N MET A 309 6.54 -3.78 18.35
CA MET A 309 7.85 -4.28 18.74
C MET A 309 7.73 -5.72 19.24
N GLU A 310 6.75 -5.96 20.11
CA GLU A 310 6.52 -7.28 20.69
C GLU A 310 6.07 -8.28 19.63
N ALA A 311 5.21 -7.82 18.72
CA ALA A 311 4.68 -8.67 17.66
C ALA A 311 5.78 -9.18 16.73
N PHE A 312 6.76 -8.33 16.42
CA PHE A 312 7.85 -8.75 15.55
C PHE A 312 8.83 -9.66 16.27
C1 XYP B . -4.18 8.66 0.47
C2 XYP B . -3.11 9.63 1.00
C3 XYP B . -3.66 11.07 1.05
C4 XYP B . -4.28 11.45 -0.28
C5 XYP B . -5.36 10.41 -0.64
O2 XYP B . -2.74 9.24 2.31
O3 XYP B . -2.60 11.97 1.34
O4 XYP B . -4.83 12.76 -0.21
O5 XYP B . -4.74 9.13 -0.76
C1 XDN C . -5.62 3.77 -0.23
C2 XDN C . -4.78 4.20 -1.35
O2 XDN C . -4.17 3.16 -2.04
C3 XDN C . -3.78 5.34 -1.01
O3 XDN C . -3.26 5.91 -2.20
C4 XDN C . -4.52 6.44 -0.22
O4 XDN C . -3.56 7.37 0.26
C5 XDN C . -5.26 5.79 0.98
N5 XDN C . -6.19 4.77 0.52
#